data_3Q85
#
_entry.id   3Q85
#
_cell.length_a   52.525
_cell.length_b   59.080
_cell.length_c   56.144
_cell.angle_alpha   90.00
_cell.angle_beta   101.26
_cell.angle_gamma   90.00
#
_symmetry.space_group_name_H-M   'P 1 21 1'
#
loop_
_entity.id
_entity.type
_entity.pdbx_description
1 polymer 'GTP-binding protein REM 2'
2 non-polymer 'PHOSPHOAMINOPHOSPHONIC ACID-GUANYLATE ESTER'
3 non-polymer 'MAGNESIUM ION'
4 non-polymer 'THIOCYANATE ION'
5 water water
#
_entity_poly.entity_id   1
_entity_poly.type   'polypeptide(L)'
_entity_poly.pdbx_seq_one_letter_code
;GVFKVMLVGESGVGKSTLAGTFGGLQGDHAHEMENSEDTYERRIMVDKEEVTLIVYDIWEQGDAGGWLQDHCLQTGDAFL
IVFSVTDRRSFSKVPETLLRLRAGRPHHDLPVILVGNKSDLARSREVSLEEGRHLAGTLSCKHIETSAALHHNTRELFEG
AVRQIRLRR
;
_entity_poly.pdbx_strand_id   A,B
#
loop_
_chem_comp.id
_chem_comp.type
_chem_comp.name
_chem_comp.formula
GNP non-polymer 'PHOSPHOAMINOPHOSPHONIC ACID-GUANYLATE ESTER' 'C10 H17 N6 O13 P3'
MG non-polymer 'MAGNESIUM ION' 'Mg 2'
SCN non-polymer 'THIOCYANATE ION' 'C N S -1'
#
# COMPACT_ATOMS: atom_id res chain seq x y z
N GLY A 1 4.22 0.09 -5.74
CA GLY A 1 5.15 -0.97 -5.41
C GLY A 1 5.33 -1.12 -3.91
N VAL A 2 4.26 -1.46 -3.20
CA VAL A 2 4.31 -1.62 -1.74
C VAL A 2 4.06 -3.07 -1.32
N PHE A 3 4.96 -3.59 -0.48
CA PHE A 3 4.93 -4.98 -0.08
C PHE A 3 4.77 -5.08 1.43
N LYS A 4 3.79 -5.87 1.88
CA LYS A 4 3.54 -6.06 3.31
C LYS A 4 3.80 -7.50 3.72
N VAL A 5 4.79 -7.70 4.59
CA VAL A 5 5.22 -9.02 5.02
C VAL A 5 4.93 -9.21 6.50
N MET A 6 4.14 -10.23 6.84
CA MET A 6 3.72 -10.45 8.21
C MET A 6 4.53 -11.57 8.86
N LEU A 7 5.16 -11.27 9.99
CA LEU A 7 5.84 -12.27 10.80
C LEU A 7 4.85 -12.88 11.76
N VAL A 8 4.71 -14.20 11.72
CA VAL A 8 3.77 -14.90 12.61
C VAL A 8 4.43 -16.14 13.19
N GLY A 9 3.88 -16.67 14.27
CA GLY A 9 4.43 -17.88 14.86
C GLY A 9 4.41 -17.86 16.37
N GLU A 10 4.85 -18.94 16.99
CA GLU A 10 4.75 -19.10 18.43
C GLU A 10 5.65 -18.10 19.17
N SER A 11 5.33 -17.86 20.42
CA SER A 11 6.13 -16.99 21.27
C SER A 11 7.56 -17.51 21.39
N GLY A 12 8.54 -16.61 21.32
CA GLY A 12 9.91 -16.95 21.62
C GLY A 12 10.76 -17.42 20.43
N VAL A 13 10.14 -17.60 19.27
CA VAL A 13 10.86 -18.17 18.13
C VAL A 13 11.84 -17.19 17.49
N GLY A 14 11.61 -15.89 17.65
CA GLY A 14 12.52 -14.89 17.15
C GLY A 14 11.89 -13.85 16.23
N LYS A 15 10.57 -13.69 16.30
CA LYS A 15 9.87 -12.79 15.38
C LYS A 15 10.36 -11.35 15.48
N SER A 16 10.41 -10.82 16.70
CA SER A 16 10.84 -9.45 16.90
C SER A 16 12.31 -9.24 16.56
N THR A 17 13.13 -10.26 16.77
CA THR A 17 14.55 -10.13 16.49
C THR A 17 14.72 -10.07 14.98
N LEU A 18 13.95 -10.90 14.27
CA LEU A 18 13.95 -10.90 12.81
C LEU A 18 13.56 -9.53 12.27
N ALA A 19 12.49 -8.96 12.82
CA ALA A 19 12.05 -7.64 12.39
C ALA A 19 13.14 -6.62 12.64
N GLY A 20 13.84 -6.78 13.78
CA GLY A 20 14.89 -5.87 14.18
C GLY A 20 16.05 -5.81 13.20
N THR A 21 16.38 -6.96 12.61
CA THR A 21 17.47 -7.00 11.64
C THR A 21 17.12 -6.14 10.43
N PHE A 22 15.83 -6.02 10.13
CA PHE A 22 15.36 -5.21 9.01
C PHE A 22 15.23 -3.73 9.39
N GLY A 23 14.75 -3.48 10.60
CA GLY A 23 14.40 -2.13 11.01
C GLY A 23 15.52 -1.32 11.67
N GLY A 24 16.52 -2.02 12.20
CA GLY A 24 17.61 -1.39 12.93
C GLY A 24 17.16 -0.47 14.05
N LEU A 25 18.06 0.41 14.48
CA LEU A 25 17.72 1.46 15.44
C LEU A 25 16.93 2.58 14.75
N ASP A 38 5.66 -1.46 16.21
CA ASP A 38 5.92 -2.84 15.80
C ASP A 38 5.69 -3.04 14.30
N THR A 39 6.03 -2.02 13.54
CA THR A 39 5.96 -2.07 12.09
C THR A 39 7.21 -1.36 11.59
N TYR A 40 7.83 -1.87 10.54
CA TYR A 40 9.06 -1.27 10.03
C TYR A 40 8.94 -1.08 8.53
N GLU A 41 9.33 0.09 8.05
CA GLU A 41 9.24 0.39 6.63
C GLU A 41 10.58 0.88 6.10
N ARG A 42 10.97 0.35 4.95
CA ARG A 42 12.19 0.76 4.29
C ARG A 42 12.04 0.56 2.80
N ARG A 43 12.72 1.38 2.00
CA ARG A 43 12.84 1.13 0.58
C ARG A 43 14.06 0.27 0.39
N ILE A 44 13.88 -0.89 -0.25
CA ILE A 44 15.01 -1.77 -0.50
C ILE A 44 15.07 -2.08 -1.99
N MET A 45 16.22 -2.58 -2.43
CA MET A 45 16.42 -2.90 -3.82
C MET A 45 16.37 -4.40 -4.00
N VAL A 46 15.44 -4.87 -4.83
CA VAL A 46 15.37 -6.29 -5.16
C VAL A 46 15.30 -6.44 -6.68
N ASP A 47 16.21 -7.23 -7.23
CA ASP A 47 16.32 -7.44 -8.67
C ASP A 47 16.30 -6.12 -9.47
N LYS A 48 17.11 -5.17 -9.02
CA LYS A 48 17.34 -3.92 -9.73
C LYS A 48 16.14 -2.98 -9.71
N GLU A 49 15.12 -3.31 -8.92
CA GLU A 49 13.97 -2.42 -8.78
C GLU A 49 13.69 -2.13 -7.30
N GLU A 50 13.60 -0.85 -6.98
CA GLU A 50 13.35 -0.44 -5.60
C GLU A 50 11.88 -0.63 -5.26
N VAL A 51 11.60 -1.03 -4.02
CA VAL A 51 10.25 -1.19 -3.54
C VAL A 51 10.17 -0.77 -2.10
N THR A 52 8.95 -0.48 -1.64
CA THR A 52 8.72 -0.22 -0.23
C THR A 52 8.35 -1.53 0.43
N LEU A 53 9.13 -1.95 1.40
CA LEU A 53 8.83 -3.13 2.19
C LEU A 53 8.43 -2.73 3.61
N ILE A 54 7.27 -3.20 4.07
CA ILE A 54 6.87 -3.02 5.44
C ILE A 54 6.78 -4.39 6.11
N VAL A 55 7.50 -4.53 7.22
CA VAL A 55 7.54 -5.76 7.98
C VAL A 55 6.70 -5.58 9.23
N TYR A 56 5.69 -6.44 9.39
CA TYR A 56 4.79 -6.39 10.52
C TYR A 56 5.17 -7.41 11.57
N ASP A 57 5.23 -6.97 12.82
CA ASP A 57 5.53 -7.84 13.95
C ASP A 57 4.44 -7.60 15.00
N ILE A 58 3.22 -8.02 14.66
CA ILE A 58 2.06 -7.73 15.49
C ILE A 58 1.23 -8.97 15.76
N TRP A 59 1.83 -10.14 15.52
CA TRP A 59 1.14 -11.41 15.73
C TRP A 59 1.05 -11.71 17.22
N GLU A 60 -0.14 -12.10 17.67
CA GLU A 60 -0.33 -12.44 19.07
C GLU A 60 -0.95 -13.84 19.17
N GLN A 61 -0.80 -14.45 20.35
CA GLN A 61 -1.17 -15.84 20.55
C GLN A 61 -2.66 -15.97 20.88
N ASP A 70 -8.07 -12.12 11.50
CA ASP A 70 -7.60 -10.91 12.16
C ASP A 70 -7.09 -9.90 11.13
N HIS A 71 -6.67 -8.73 11.61
CA HIS A 71 -6.16 -7.70 10.73
C HIS A 71 -4.92 -8.20 9.99
N CYS A 72 -4.17 -9.08 10.64
CA CYS A 72 -2.94 -9.61 10.09
C CYS A 72 -3.19 -10.27 8.74
N LEU A 73 -4.12 -11.21 8.70
CA LEU A 73 -4.32 -12.04 7.52
C LEU A 73 -4.73 -11.25 6.28
N GLN A 74 -5.76 -10.42 6.39
CA GLN A 74 -6.24 -9.68 5.23
C GLN A 74 -5.19 -8.70 4.74
N THR A 75 -4.56 -8.01 5.69
CA THR A 75 -3.54 -7.01 5.42
C THR A 75 -2.34 -7.52 4.61
N GLY A 76 -1.87 -8.72 4.93
CA GLY A 76 -0.59 -9.21 4.44
C GLY A 76 -0.53 -9.56 2.96
N ASP A 77 0.65 -9.36 2.39
CA ASP A 77 0.95 -9.78 1.02
C ASP A 77 1.73 -11.09 1.06
N ALA A 78 2.41 -11.33 2.17
CA ALA A 78 3.18 -12.55 2.33
C ALA A 78 3.26 -12.91 3.80
N PHE A 79 3.39 -14.19 4.10
CA PHE A 79 3.40 -14.64 5.48
C PHE A 79 4.63 -15.47 5.76
N LEU A 80 5.43 -15.01 6.71
CA LEU A 80 6.61 -15.71 7.15
C LEU A 80 6.27 -16.41 8.46
N ILE A 81 6.02 -17.71 8.40
CA ILE A 81 5.70 -18.48 9.59
C ILE A 81 7.00 -18.91 10.26
N VAL A 82 7.36 -18.21 11.33
CA VAL A 82 8.62 -18.44 12.03
C VAL A 82 8.47 -19.49 13.12
N PHE A 83 9.29 -20.52 13.06
CA PHE A 83 9.49 -21.42 14.18
C PHE A 83 10.96 -21.37 14.57
N SER A 84 11.29 -21.88 15.76
CA SER A 84 12.68 -21.97 16.17
C SER A 84 13.16 -23.41 16.03
N VAL A 85 14.33 -23.61 15.41
CA VAL A 85 14.90 -24.93 15.28
C VAL A 85 15.27 -25.53 16.63
N THR A 86 15.26 -24.73 17.68
CA THR A 86 15.55 -25.23 19.03
C THR A 86 14.26 -25.49 19.81
N ASP A 87 13.12 -25.38 19.14
CA ASP A 87 11.82 -25.50 19.80
C ASP A 87 10.88 -26.34 18.95
N ARG A 88 10.95 -27.65 19.13
CA ARG A 88 10.18 -28.58 18.31
C ARG A 88 8.67 -28.33 18.39
N ARG A 89 8.23 -27.84 19.54
CA ARG A 89 6.84 -27.51 19.75
C ARG A 89 6.37 -26.44 18.77
N SER A 90 7.20 -25.41 18.59
CA SER A 90 6.85 -24.33 17.66
C SER A 90 6.77 -24.88 16.23
N PHE A 91 7.62 -25.85 15.91
CA PHE A 91 7.61 -26.49 14.60
C PHE A 91 6.32 -27.31 14.39
N SER A 92 5.88 -27.98 15.44
N SER A 92 5.87 -28.00 15.42
CA SER A 92 4.70 -28.85 15.34
CA SER A 92 4.69 -28.84 15.31
C SER A 92 3.41 -28.04 15.20
C SER A 92 3.43 -28.02 15.10
N LYS A 93 3.47 -26.76 15.51
CA LYS A 93 2.32 -25.87 15.40
C LYS A 93 2.17 -25.26 14.01
N VAL A 94 3.19 -25.41 13.17
CA VAL A 94 3.17 -24.76 11.86
C VAL A 94 2.00 -25.20 10.97
N PRO A 95 1.78 -26.52 10.82
CA PRO A 95 0.68 -26.92 9.94
C PRO A 95 -0.65 -26.24 10.31
N GLU A 96 -1.04 -26.25 11.57
CA GLU A 96 -2.35 -25.69 11.95
C GLU A 96 -2.38 -24.17 11.77
N THR A 97 -1.23 -23.52 11.91
CA THR A 97 -1.14 -22.07 11.71
C THR A 97 -1.35 -21.72 10.23
N LEU A 98 -0.67 -22.45 9.36
CA LEU A 98 -0.73 -22.21 7.91
C LEU A 98 -2.15 -22.44 7.40
N LEU A 99 -2.76 -23.50 7.91
CA LEU A 99 -4.14 -23.88 7.56
C LEU A 99 -5.12 -22.74 7.85
N ARG A 100 -4.99 -22.12 9.02
CA ARG A 100 -5.86 -21.00 9.39
C ARG A 100 -5.66 -19.78 8.51
N LEU A 101 -4.40 -19.43 8.25
CA LEU A 101 -4.10 -18.32 7.36
C LEU A 101 -4.71 -18.55 5.98
N ARG A 102 -4.43 -19.72 5.41
CA ARG A 102 -4.92 -20.05 4.08
C ARG A 102 -6.45 -20.07 4.03
N ALA A 103 -7.08 -20.55 5.10
CA ALA A 103 -8.52 -20.69 5.14
C ALA A 103 -9.19 -19.33 5.22
N GLY A 104 -8.47 -18.34 5.73
CA GLY A 104 -9.02 -17.00 5.85
C GLY A 104 -9.11 -16.28 4.51
N ARG A 105 -8.34 -16.75 3.54
CA ARG A 105 -8.34 -16.18 2.20
C ARG A 105 -8.24 -17.32 1.20
N PRO A 106 -9.31 -18.12 1.10
CA PRO A 106 -9.33 -19.41 0.39
C PRO A 106 -9.12 -19.26 -1.12
N HIS A 107 -9.45 -18.10 -1.65
CA HIS A 107 -9.33 -17.85 -3.08
C HIS A 107 -7.93 -17.39 -3.50
N HIS A 108 -7.09 -17.06 -2.52
CA HIS A 108 -5.78 -16.48 -2.80
C HIS A 108 -4.63 -17.49 -2.74
N ASP A 109 -3.70 -17.36 -3.68
CA ASP A 109 -2.49 -18.15 -3.66
C ASP A 109 -1.45 -17.39 -2.84
N LEU A 110 -1.55 -17.50 -1.52
CA LEU A 110 -0.69 -16.74 -0.62
C LEU A 110 0.77 -17.19 -0.67
N PRO A 111 1.69 -16.24 -0.89
CA PRO A 111 3.10 -16.59 -0.70
C PRO A 111 3.36 -16.87 0.77
N VAL A 112 3.97 -18.01 1.08
CA VAL A 112 4.28 -18.37 2.46
C VAL A 112 5.66 -18.99 2.51
N ILE A 113 6.41 -18.69 3.58
CA ILE A 113 7.67 -19.36 3.82
C ILE A 113 7.76 -19.75 5.27
N LEU A 114 8.26 -20.94 5.50
CA LEU A 114 8.55 -21.40 6.85
C LEU A 114 9.96 -20.96 7.18
N VAL A 115 10.10 -20.23 8.28
CA VAL A 115 11.38 -19.67 8.68
C VAL A 115 11.87 -20.36 9.94
N GLY A 116 12.76 -21.33 9.77
CA GLY A 116 13.42 -21.96 10.90
C GLY A 116 14.52 -21.07 11.45
N ASN A 117 14.23 -20.37 12.54
CA ASN A 117 15.17 -19.42 13.14
C ASN A 117 16.05 -20.05 14.24
N LYS A 118 17.08 -19.30 14.65
CA LYS A 118 18.05 -19.76 15.65
C LYS A 118 18.96 -20.87 15.15
N SER A 119 19.27 -20.86 13.86
CA SER A 119 20.13 -21.88 13.26
C SER A 119 21.54 -21.88 13.85
N ASP A 120 21.88 -20.80 14.54
CA ASP A 120 23.21 -20.64 15.12
C ASP A 120 23.42 -21.50 16.35
N LEU A 121 22.33 -21.98 16.94
CA LEU A 121 22.38 -22.79 18.15
C LEU A 121 22.45 -24.29 17.83
N ALA A 122 23.56 -24.70 17.25
CA ALA A 122 23.71 -26.05 16.72
C ALA A 122 23.55 -27.14 17.79
N ARG A 123 24.09 -26.89 18.98
CA ARG A 123 24.05 -27.89 20.04
C ARG A 123 22.74 -27.88 20.83
N SER A 124 21.77 -27.09 20.38
CA SER A 124 20.45 -27.02 21.02
C SER A 124 19.32 -27.40 20.06
N ARG A 125 19.68 -27.74 18.83
CA ARG A 125 18.70 -28.04 17.79
C ARG A 125 17.72 -29.19 18.14
N GLU A 126 16.44 -28.93 17.95
CA GLU A 126 15.38 -29.91 18.14
C GLU A 126 14.67 -30.24 16.83
N VAL A 127 14.96 -29.48 15.77
CA VAL A 127 14.33 -29.70 14.47
C VAL A 127 15.42 -29.66 13.39
N SER A 128 15.38 -30.59 12.46
CA SER A 128 16.44 -30.66 11.45
C SER A 128 16.13 -29.81 10.23
N LEU A 129 17.18 -29.51 9.49
CA LEU A 129 17.06 -28.84 8.21
C LEU A 129 16.15 -29.61 7.27
N GLU A 130 16.37 -30.92 7.16
CA GLU A 130 15.60 -31.71 6.19
C GLU A 130 14.13 -31.84 6.57
N GLU A 131 13.85 -31.80 7.87
CA GLU A 131 12.47 -31.83 8.35
C GLU A 131 11.73 -30.56 7.96
N GLY A 132 12.41 -29.43 8.11
CA GLY A 132 11.83 -28.15 7.73
C GLY A 132 11.51 -28.13 6.25
N ARG A 133 12.43 -28.67 5.46
CA ARG A 133 12.26 -28.69 4.01
C ARG A 133 11.16 -29.64 3.57
N HIS A 134 11.03 -30.76 4.28
CA HIS A 134 10.01 -31.74 3.98
C HIS A 134 8.65 -31.13 4.28
N LEU A 135 8.55 -30.43 5.40
CA LEU A 135 7.29 -29.79 5.77
C LEU A 135 6.89 -28.77 4.72
N ALA A 136 7.83 -27.92 4.34
CA ALA A 136 7.58 -26.88 3.35
C ALA A 136 7.19 -27.48 2.01
N GLY A 137 7.84 -28.57 1.64
CA GLY A 137 7.52 -29.25 0.39
C GLY A 137 6.11 -29.85 0.44
N THR A 138 5.77 -30.43 1.58
CA THR A 138 4.47 -31.06 1.76
C THR A 138 3.34 -30.04 1.67
N LEU A 139 3.54 -28.88 2.31
CA LEU A 139 2.51 -27.86 2.37
C LEU A 139 2.65 -26.82 1.25
N SER A 140 3.52 -27.08 0.29
CA SER A 140 3.75 -26.16 -0.82
C SER A 140 4.10 -24.76 -0.34
N CYS A 141 5.03 -24.68 0.61
CA CYS A 141 5.62 -23.40 1.02
C CYS A 141 7.09 -23.33 0.65
N LYS A 142 7.64 -22.12 0.73
CA LYS A 142 9.08 -21.94 0.73
C LYS A 142 9.63 -22.31 2.10
N HIS A 143 10.95 -22.50 2.17
CA HIS A 143 11.64 -22.78 3.41
C HIS A 143 13.01 -22.09 3.44
N ILE A 144 13.39 -21.58 4.60
CA ILE A 144 14.73 -21.05 4.80
C ILE A 144 15.06 -21.10 6.28
N GLU A 145 16.33 -21.27 6.61
CA GLU A 145 16.75 -21.17 8.00
C GLU A 145 17.53 -19.89 8.18
N THR A 146 17.32 -19.24 9.32
CA THR A 146 17.92 -17.95 9.62
C THR A 146 18.54 -17.95 11.01
N SER A 147 19.44 -17.00 11.21
CA SER A 147 19.82 -16.60 12.56
C SER A 147 19.57 -15.11 12.67
N ALA A 148 18.45 -14.75 13.27
CA ALA A 148 18.13 -13.35 13.48
C ALA A 148 19.21 -12.69 14.34
N ALA A 149 19.83 -13.47 15.22
CA ALA A 149 20.85 -12.93 16.12
C ALA A 149 22.10 -12.49 15.35
N LEU A 150 22.48 -13.25 14.33
CA LEU A 150 23.69 -12.96 13.58
C LEU A 150 23.41 -12.48 12.16
N HIS A 151 22.14 -12.20 11.87
CA HIS A 151 21.76 -11.74 10.54
C HIS A 151 22.20 -12.74 9.48
N HIS A 152 22.12 -14.03 9.81
CA HIS A 152 22.34 -15.07 8.81
C HIS A 152 21.06 -15.30 8.02
N ASN A 153 21.13 -15.03 6.72
CA ASN A 153 20.02 -15.29 5.79
C ASN A 153 18.79 -14.42 5.99
N THR A 154 18.89 -13.38 6.82
CA THR A 154 17.73 -12.54 7.10
C THR A 154 17.44 -11.61 5.92
N ARG A 155 18.48 -11.07 5.31
CA ARG A 155 18.28 -10.25 4.13
C ARG A 155 17.69 -11.10 3.01
N GLU A 156 18.25 -12.30 2.82
CA GLU A 156 17.76 -13.23 1.81
C GLU A 156 16.29 -13.55 2.04
N LEU A 157 15.91 -13.64 3.31
CA LEU A 157 14.52 -13.92 3.66
C LEU A 157 13.59 -12.83 3.15
N PHE A 158 13.90 -11.57 3.48
CA PHE A 158 12.99 -10.47 3.13
C PHE A 158 13.01 -10.16 1.62
N GLU A 159 14.17 -10.29 0.99
CA GLU A 159 14.25 -10.08 -0.46
C GLU A 159 13.47 -11.16 -1.18
N GLY A 160 13.59 -12.39 -0.68
CA GLY A 160 12.87 -13.52 -1.25
C GLY A 160 11.37 -13.31 -1.19
N ALA A 161 10.90 -12.72 -0.10
CA ALA A 161 9.49 -12.39 0.06
C ALA A 161 9.02 -11.47 -1.06
N VAL A 162 9.78 -10.42 -1.31
CA VAL A 162 9.44 -9.49 -2.37
C VAL A 162 9.34 -10.22 -3.71
N ARG A 163 10.23 -11.17 -3.97
CA ARG A 163 10.21 -11.86 -5.27
C ARG A 163 8.95 -12.69 -5.44
N GLN A 164 8.54 -13.41 -4.40
CA GLN A 164 7.35 -14.25 -4.51
C GLN A 164 6.07 -13.41 -4.61
N ILE A 165 6.01 -12.29 -3.86
CA ILE A 165 4.88 -11.38 -3.95
C ILE A 165 4.75 -10.83 -5.37
N ARG A 166 5.87 -10.52 -6.01
CA ARG A 166 5.85 -10.00 -7.37
C ARG A 166 5.18 -10.98 -8.33
N LEU A 167 5.38 -12.26 -8.10
CA LEU A 167 4.79 -13.30 -8.96
C LEU A 167 3.28 -13.36 -8.79
N ARG A 168 2.78 -12.85 -7.68
CA ARG A 168 1.35 -12.81 -7.42
C ARG A 168 0.71 -11.56 -8.02
N ARG A 169 1.51 -10.72 -8.69
CA ARG A 169 1.00 -9.45 -9.24
C ARG A 169 1.23 -9.35 -10.74
N GLY B 1 -0.79 3.43 -22.47
CA GLY B 1 0.06 3.77 -21.34
C GLY B 1 -0.71 3.64 -20.03
N VAL B 2 0.03 3.68 -18.92
CA VAL B 2 -0.59 3.56 -17.60
C VAL B 2 -0.58 4.90 -16.86
N PHE B 3 -1.71 5.25 -16.26
CA PHE B 3 -1.90 6.55 -15.64
C PHE B 3 -2.35 6.34 -14.20
N LYS B 4 -1.72 7.04 -13.26
CA LYS B 4 -2.03 6.89 -11.84
C LYS B 4 -2.48 8.24 -11.24
N VAL B 5 -3.72 8.30 -10.76
CA VAL B 5 -4.23 9.54 -10.18
C VAL B 5 -4.53 9.37 -8.70
N MET B 6 -3.92 10.24 -7.90
CA MET B 6 -4.02 10.13 -6.45
C MET B 6 -5.07 11.09 -5.90
N LEU B 7 -6.07 10.55 -5.22
CA LEU B 7 -7.03 11.39 -4.50
C LEU B 7 -6.43 11.71 -3.14
N VAL B 8 -6.30 13.01 -2.85
CA VAL B 8 -5.77 13.45 -1.56
C VAL B 8 -6.64 14.58 -1.03
N GLY B 9 -6.57 14.84 0.27
CA GLY B 9 -7.37 15.87 0.89
C GLY B 9 -7.88 15.48 2.27
N GLU B 10 -8.54 16.43 2.93
CA GLU B 10 -8.99 16.26 4.32
C GLU B 10 -10.08 15.21 4.44
N SER B 11 -10.28 14.74 5.67
CA SER B 11 -11.28 13.71 5.94
C SER B 11 -12.69 14.21 5.65
N GLY B 12 -13.51 13.36 5.06
CA GLY B 12 -14.93 13.65 4.90
C GLY B 12 -15.27 14.40 3.63
N VAL B 13 -14.26 14.86 2.89
CA VAL B 13 -14.53 15.68 1.71
C VAL B 13 -15.16 14.85 0.60
N GLY B 14 -14.92 13.54 0.62
CA GLY B 14 -15.56 12.65 -0.34
C GLY B 14 -14.60 11.89 -1.25
N LYS B 15 -13.34 11.75 -0.85
CA LYS B 15 -12.36 11.08 -1.69
C LYS B 15 -12.81 9.67 -2.07
N SER B 16 -13.23 8.89 -1.08
CA SER B 16 -13.68 7.52 -1.33
C SER B 16 -14.91 7.45 -2.22
N THR B 17 -15.82 8.42 -2.09
CA THR B 17 -17.01 8.42 -2.92
C THR B 17 -16.58 8.68 -4.37
N LEU B 18 -15.60 9.56 -4.56
N LEU B 18 -15.60 9.56 -4.56
CA LEU B 18 -15.06 9.83 -5.89
CA LEU B 18 -15.05 9.84 -5.89
C LEU B 18 -14.49 8.56 -6.50
C LEU B 18 -14.47 8.58 -6.51
N ALA B 19 -13.63 7.87 -5.76
CA ALA B 19 -13.03 6.66 -6.26
C ALA B 19 -14.15 5.72 -6.67
N GLY B 20 -15.19 5.65 -5.83
CA GLY B 20 -16.31 4.74 -6.03
C GLY B 20 -17.06 4.95 -7.34
N THR B 21 -17.23 6.20 -7.77
CA THR B 21 -17.93 6.47 -9.02
C THR B 21 -17.13 5.87 -10.17
N PHE B 22 -15.80 5.86 -10.03
CA PHE B 22 -14.91 5.29 -11.03
C PHE B 22 -14.87 3.77 -10.99
N GLY B 23 -14.76 3.19 -9.79
CA GLY B 23 -14.53 1.76 -9.65
C GLY B 23 -15.78 0.90 -9.59
N GLY B 24 -16.94 1.52 -9.40
CA GLY B 24 -18.21 0.80 -9.28
C GLY B 24 -18.24 -0.28 -8.21
N LEU B 25 -19.15 -1.24 -8.34
CA LEU B 25 -19.22 -2.38 -7.42
C LEU B 25 -18.61 -3.65 -8.01
N ASP B 38 -8.27 2.02 -0.89
CA ASP B 38 -8.39 1.08 -2.00
C ASP B 38 -7.72 1.61 -3.25
N THR B 39 -7.63 0.77 -4.27
CA THR B 39 -7.13 1.17 -5.57
C THR B 39 -8.07 0.60 -6.61
N TYR B 40 -8.23 1.30 -7.73
CA TYR B 40 -9.13 0.85 -8.78
C TYR B 40 -8.44 0.96 -10.13
N GLU B 41 -8.61 -0.05 -10.96
CA GLU B 41 -7.98 -0.06 -12.28
C GLU B 41 -8.99 -0.41 -13.35
N ARG B 42 -8.95 0.35 -14.44
CA ARG B 42 -9.87 0.17 -15.54
C ARG B 42 -9.24 0.69 -16.83
N ARG B 43 -9.68 0.13 -17.95
CA ARG B 43 -9.34 0.65 -19.26
C ARG B 43 -10.41 1.64 -19.66
N ILE B 44 -10.01 2.86 -20.00
CA ILE B 44 -10.96 3.88 -20.41
C ILE B 44 -10.50 4.57 -21.69
N MET B 45 -11.45 5.16 -22.38
CA MET B 45 -11.19 5.85 -23.65
C MET B 45 -11.14 7.35 -23.44
N VAL B 46 -10.00 7.95 -23.70
CA VAL B 46 -9.88 9.40 -23.72
C VAL B 46 -9.29 9.87 -25.04
N ASP B 47 -10.02 10.76 -25.73
CA ASP B 47 -9.61 11.26 -27.04
C ASP B 47 -9.22 10.13 -28.01
N LYS B 48 -10.07 9.11 -28.10
CA LYS B 48 -9.93 8.06 -29.10
C LYS B 48 -8.86 7.04 -28.80
N GLU B 49 -8.16 7.22 -27.69
CA GLU B 49 -7.11 6.28 -27.31
C GLU B 49 -7.39 5.73 -25.92
N GLU B 50 -7.33 4.40 -25.82
CA GLU B 50 -7.68 3.72 -24.60
C GLU B 50 -6.43 3.61 -23.75
N VAL B 51 -6.58 3.88 -22.45
CA VAL B 51 -5.47 3.86 -21.52
C VAL B 51 -5.87 3.06 -20.30
N THR B 52 -4.90 2.72 -19.47
CA THR B 52 -5.17 2.10 -18.19
C THR B 52 -5.11 3.19 -17.14
N LEU B 53 -6.22 3.46 -16.49
CA LEU B 53 -6.28 4.46 -15.43
C LEU B 53 -6.42 3.77 -14.08
N ILE B 54 -5.56 4.14 -13.14
CA ILE B 54 -5.60 3.60 -11.80
C ILE B 54 -5.85 4.72 -10.81
N VAL B 55 -6.97 4.64 -10.09
CA VAL B 55 -7.32 5.66 -9.11
C VAL B 55 -6.93 5.17 -7.72
N TYR B 56 -6.10 5.96 -7.04
CA TYR B 56 -5.65 5.65 -5.70
C TYR B 56 -6.43 6.44 -4.67
N ASP B 57 -6.88 5.74 -3.62
CA ASP B 57 -7.62 6.38 -2.54
C ASP B 57 -6.97 5.95 -1.23
N ILE B 58 -5.67 6.21 -1.10
CA ILE B 58 -4.88 5.73 0.03
C ILE B 58 -4.30 6.86 0.87
N TRP B 59 -4.89 8.04 0.79
CA TRP B 59 -4.39 9.21 1.52
C TRP B 59 -4.91 9.23 2.95
N GLU B 60 -3.98 9.33 3.90
CA GLU B 60 -4.32 9.40 5.32
C GLU B 60 -3.90 10.76 5.90
N GLN B 61 -4.40 11.08 7.08
CA GLN B 61 -4.17 12.40 7.68
C GLN B 61 -2.89 12.40 8.51
N LEU B 68 6.16 5.72 5.17
CA LEU B 68 5.43 6.97 4.96
C LEU B 68 4.49 6.84 3.78
N GLN B 69 3.21 7.06 4.04
CA GLN B 69 2.19 6.94 3.00
C GLN B 69 2.57 7.74 1.76
N ASP B 70 3.40 8.75 1.94
CA ASP B 70 4.07 9.51 0.87
C ASP B 70 4.49 8.68 -0.35
N HIS B 71 4.38 7.36 -0.24
CA HIS B 71 4.41 6.48 -1.41
C HIS B 71 3.48 7.09 -2.47
N CYS B 72 2.46 7.80 -1.99
CA CYS B 72 1.48 8.46 -2.84
CA CYS B 72 1.48 8.48 -2.84
C CYS B 72 2.13 9.50 -3.74
N LEU B 73 3.03 10.31 -3.19
CA LEU B 73 3.67 11.36 -3.97
C LEU B 73 4.55 10.80 -5.07
N GLN B 74 5.42 9.85 -4.72
CA GLN B 74 6.37 9.31 -5.69
C GLN B 74 5.67 8.53 -6.80
N THR B 75 4.49 7.97 -6.49
CA THR B 75 3.83 7.08 -7.44
C THR B 75 2.86 7.79 -8.37
N GLY B 76 2.25 8.87 -7.88
CA GLY B 76 1.24 9.58 -8.64
C GLY B 76 1.75 10.18 -9.94
N ASP B 77 0.86 10.25 -10.93
CA ASP B 77 1.12 10.93 -12.19
C ASP B 77 0.36 12.25 -12.19
N ALA B 78 -0.72 12.30 -11.43
CA ALA B 78 -1.49 13.53 -11.25
C ALA B 78 -2.13 13.51 -9.87
N PHE B 79 -2.47 14.68 -9.35
CA PHE B 79 -2.97 14.78 -7.99
C PHE B 79 -4.28 15.54 -7.96
N LEU B 80 -5.32 14.88 -7.49
CA LEU B 80 -6.62 15.51 -7.33
C LEU B 80 -6.75 15.90 -5.87
N ILE B 81 -6.47 17.16 -5.56
CA ILE B 81 -6.66 17.65 -4.21
C ILE B 81 -8.12 18.01 -4.01
N VAL B 82 -8.81 17.14 -3.29
CA VAL B 82 -10.25 17.24 -3.10
C VAL B 82 -10.55 17.95 -1.80
N PHE B 83 -11.39 18.98 -1.88
CA PHE B 83 -11.96 19.60 -0.69
C PHE B 83 -13.47 19.56 -0.86
N SER B 84 -14.22 19.85 0.19
CA SER B 84 -15.66 19.92 0.09
C SER B 84 -16.11 21.37 0.08
N VAL B 85 -17.00 21.72 -0.84
CA VAL B 85 -17.55 23.07 -0.89
C VAL B 85 -18.42 23.34 0.32
N THR B 86 -18.70 22.32 1.12
CA THR B 86 -19.47 22.51 2.36
C THR B 86 -18.58 22.52 3.60
N ASP B 87 -17.26 22.54 3.38
CA ASP B 87 -16.27 22.46 4.46
C ASP B 87 -15.14 23.45 4.22
N ARG B 88 -15.34 24.69 4.63
CA ARG B 88 -14.37 25.76 4.36
C ARG B 88 -12.99 25.45 4.93
N ARG B 89 -12.93 24.60 5.95
CA ARG B 89 -11.66 24.20 6.54
C ARG B 89 -10.84 23.33 5.58
N SER B 90 -11.51 22.41 4.90
CA SER B 90 -10.81 21.54 3.93
C SER B 90 -10.22 22.37 2.80
N PHE B 91 -10.94 23.43 2.42
CA PHE B 91 -10.48 24.38 1.40
C PHE B 91 -9.28 25.20 1.91
N SER B 92 -9.32 25.58 3.18
N SER B 92 -9.32 25.60 3.18
CA SER B 92 -8.24 26.37 3.78
CA SER B 92 -8.23 26.39 3.73
C SER B 92 -6.93 25.59 3.87
C SER B 92 -6.92 25.59 3.81
N LYS B 93 -7.04 24.26 3.80
CA LYS B 93 -5.86 23.40 3.91
C LYS B 93 -5.25 23.06 2.54
N VAL B 94 -5.92 23.40 1.45
CA VAL B 94 -5.41 23.07 0.13
C VAL B 94 -4.00 23.63 -0.12
N PRO B 95 -3.81 24.93 0.11
CA PRO B 95 -2.48 25.52 -0.16
C PRO B 95 -1.31 24.74 0.45
N GLU B 96 -1.34 24.46 1.75
CA GLU B 96 -0.23 23.76 2.40
C GLU B 96 -0.08 22.33 1.86
N THR B 97 -1.18 21.68 1.52
CA THR B 97 -1.13 20.33 0.99
C THR B 97 -0.42 20.33 -0.37
N LEU B 98 -0.78 21.30 -1.20
CA LEU B 98 -0.18 21.42 -2.52
C LEU B 98 1.32 21.71 -2.40
N LEU B 99 1.64 22.64 -1.52
CA LEU B 99 3.03 23.01 -1.24
C LEU B 99 3.88 21.77 -0.97
N ARG B 100 3.41 20.89 -0.09
CA ARG B 100 4.19 19.69 0.26
C ARG B 100 4.33 18.72 -0.91
N LEU B 101 3.26 18.53 -1.68
CA LEU B 101 3.34 17.65 -2.84
C LEU B 101 4.39 18.16 -3.84
N ARG B 102 4.34 19.45 -4.16
CA ARG B 102 5.28 20.02 -5.12
C ARG B 102 6.71 20.01 -4.60
N ALA B 103 6.87 20.27 -3.30
CA ALA B 103 8.18 20.28 -2.66
C ALA B 103 8.80 18.89 -2.75
N GLY B 104 7.98 17.85 -2.72
CA GLY B 104 8.48 16.48 -2.68
C GLY B 104 9.07 16.03 -4.00
N ARG B 105 8.70 16.72 -5.08
CA ARG B 105 9.21 16.44 -6.41
C ARG B 105 9.43 17.78 -7.11
N PRO B 106 10.38 18.56 -6.58
CA PRO B 106 10.57 19.98 -6.92
C PRO B 106 10.94 20.22 -8.39
N HIS B 107 11.48 19.21 -9.05
CA HIS B 107 11.86 19.35 -10.46
C HIS B 107 10.78 18.90 -11.45
N HIS B 108 9.63 18.47 -10.95
CA HIS B 108 8.56 17.96 -11.80
C HIS B 108 7.42 18.97 -11.94
N ASP B 109 6.91 19.07 -13.15
CA ASP B 109 5.72 19.86 -13.42
C ASP B 109 4.51 18.94 -13.20
N LEU B 110 4.11 18.80 -11.96
CA LEU B 110 3.03 17.89 -11.59
C LEU B 110 1.67 18.37 -12.08
N PRO B 111 0.91 17.50 -12.76
CA PRO B 111 -0.50 17.81 -13.04
C PRO B 111 -1.28 17.78 -11.72
N VAL B 112 -1.98 18.86 -11.42
CA VAL B 112 -2.76 18.97 -10.19
C VAL B 112 -4.11 19.63 -10.49
N ILE B 113 -5.18 19.07 -9.92
CA ILE B 113 -6.49 19.71 -10.00
C ILE B 113 -7.09 19.82 -8.63
N LEU B 114 -7.68 20.97 -8.34
CA LEU B 114 -8.43 21.16 -7.10
C LEU B 114 -9.87 20.77 -7.40
N VAL B 115 -10.42 19.88 -6.57
CA VAL B 115 -11.74 19.31 -6.79
C VAL B 115 -12.67 19.72 -5.66
N GLY B 116 -13.52 20.72 -5.94
CA GLY B 116 -14.53 21.11 -4.97
C GLY B 116 -15.72 20.17 -5.04
N ASN B 117 -15.80 19.24 -4.10
CA ASN B 117 -16.82 18.20 -4.11
C ASN B 117 -18.06 18.58 -3.31
N LYS B 118 -19.13 17.81 -3.46
CA LYS B 118 -20.40 18.04 -2.78
C LYS B 118 -21.13 19.27 -3.31
N SER B 119 -21.02 19.54 -4.60
CA SER B 119 -21.64 20.71 -5.22
C SER B 119 -23.16 20.63 -5.22
N ASP B 120 -23.69 19.44 -4.92
CA ASP B 120 -25.13 19.22 -4.93
C ASP B 120 -25.77 19.79 -3.68
N LEU B 121 -24.95 20.05 -2.66
CA LEU B 121 -25.45 20.54 -1.38
C LEU B 121 -25.47 22.07 -1.35
N ALA B 122 -26.33 22.66 -2.18
CA ALA B 122 -26.31 24.10 -2.41
C ALA B 122 -26.56 24.91 -1.13
N ARG B 123 -27.52 24.47 -0.33
CA ARG B 123 -27.94 25.18 0.87
C ARG B 123 -26.96 25.04 2.04
N SER B 124 -25.88 24.29 1.84
CA SER B 124 -24.88 24.08 2.88
C SER B 124 -23.49 24.57 2.46
N ARG B 125 -23.38 25.21 1.30
CA ARG B 125 -22.07 25.63 0.78
C ARG B 125 -21.33 26.64 1.69
N GLU B 126 -20.02 26.41 1.87
CA GLU B 126 -19.16 27.33 2.62
C GLU B 126 -18.03 27.87 1.75
N VAL B 127 -17.93 27.42 0.50
CA VAL B 127 -16.88 27.88 -0.43
C VAL B 127 -17.51 28.09 -1.80
N SER B 128 -17.22 29.24 -2.41
CA SER B 128 -17.88 29.58 -3.67
C SER B 128 -17.13 29.01 -4.87
N LEU B 129 -17.84 28.86 -5.97
CA LEU B 129 -17.26 28.46 -7.23
C LEU B 129 -16.09 29.38 -7.59
N GLU B 130 -16.28 30.68 -7.37
CA GLU B 130 -15.27 31.66 -7.76
C GLU B 130 -14.00 31.63 -6.92
N GLU B 131 -14.14 31.36 -5.61
CA GLU B 131 -12.98 31.28 -4.72
C GLU B 131 -12.14 30.07 -5.10
N GLY B 132 -12.82 28.97 -5.38
CA GLY B 132 -12.16 27.76 -5.82
C GLY B 132 -11.38 28.03 -7.09
N ARG B 133 -11.98 28.79 -8.01
CA ARG B 133 -11.34 29.08 -9.29
C ARG B 133 -10.16 30.03 -9.08
N HIS B 134 -10.35 31.00 -8.19
CA HIS B 134 -9.29 31.95 -7.88
C HIS B 134 -8.09 31.24 -7.30
N LEU B 135 -8.33 30.30 -6.39
CA LEU B 135 -7.26 29.58 -5.73
C LEU B 135 -6.46 28.80 -6.74
N ALA B 136 -7.18 28.10 -7.61
CA ALA B 136 -6.57 27.29 -8.66
C ALA B 136 -5.72 28.16 -9.60
N GLY B 137 -6.23 29.33 -9.98
CA GLY B 137 -5.49 30.23 -10.84
C GLY B 137 -4.27 30.79 -10.15
N THR B 138 -4.43 31.18 -8.90
CA THR B 138 -3.30 31.70 -8.12
C THR B 138 -2.21 30.64 -8.03
N LEU B 139 -2.61 29.40 -7.83
CA LEU B 139 -1.67 28.31 -7.57
C LEU B 139 -1.28 27.54 -8.83
N SER B 140 -1.70 28.01 -9.99
CA SER B 140 -1.43 27.34 -11.26
C SER B 140 -1.90 25.88 -11.27
N CYS B 141 -3.10 25.65 -10.75
CA CYS B 141 -3.75 24.34 -10.80
C CYS B 141 -4.98 24.39 -11.71
N LYS B 142 -5.46 23.22 -12.11
CA LYS B 142 -6.79 23.13 -12.71
C LYS B 142 -7.84 23.21 -11.60
N HIS B 143 -9.10 23.36 -11.98
CA HIS B 143 -10.19 23.38 -11.00
C HIS B 143 -11.46 22.80 -11.61
N ILE B 144 -12.18 22.03 -10.82
CA ILE B 144 -13.48 21.54 -11.21
C ILE B 144 -14.32 21.35 -9.96
N GLU B 145 -15.64 21.37 -10.11
CA GLU B 145 -16.52 21.02 -9.01
C GLU B 145 -17.28 19.77 -9.37
N THR B 146 -17.46 18.90 -8.39
CA THR B 146 -18.07 17.60 -8.61
C THR B 146 -19.15 17.35 -7.59
N SER B 147 -20.02 16.42 -7.92
CA SER B 147 -20.84 15.76 -6.92
C SER B 147 -20.58 14.27 -7.09
N ALA B 148 -19.72 13.72 -6.24
CA ALA B 148 -19.43 12.30 -6.30
C ALA B 148 -20.73 11.53 -6.08
N ALA B 149 -21.61 12.08 -5.26
CA ALA B 149 -22.88 11.42 -4.94
C ALA B 149 -23.77 11.24 -6.16
N LEU B 150 -23.80 12.24 -7.03
CA LEU B 150 -24.68 12.21 -8.19
C LEU B 150 -23.92 12.02 -9.49
N HIS B 151 -22.63 11.74 -9.38
CA HIS B 151 -21.77 11.57 -10.55
C HIS B 151 -21.81 12.81 -11.44
N HIS B 152 -21.92 13.99 -10.84
CA HIS B 152 -21.79 15.22 -11.60
C HIS B 152 -20.31 15.57 -11.78
N ASN B 153 -19.86 15.59 -13.04
CA ASN B 153 -18.51 16.00 -13.40
C ASN B 153 -17.41 15.02 -12.98
N THR B 154 -17.79 13.83 -12.55
CA THR B 154 -16.79 12.88 -12.08
C THR B 154 -16.09 12.22 -13.26
N ARG B 155 -16.83 11.92 -14.32
CA ARG B 155 -16.19 11.35 -15.51
C ARG B 155 -15.24 12.36 -16.11
N GLU B 156 -15.69 13.61 -16.21
CA GLU B 156 -14.89 14.68 -16.76
C GLU B 156 -13.60 14.86 -15.96
N LEU B 157 -13.70 14.67 -14.65
CA LEU B 157 -12.55 14.85 -13.76
C LEU B 157 -11.45 13.86 -14.11
N PHE B 158 -11.80 12.58 -14.22
CA PHE B 158 -10.78 11.56 -14.43
C PHE B 158 -10.27 11.55 -15.89
N GLU B 159 -11.16 11.81 -16.85
CA GLU B 159 -10.72 11.93 -18.25
C GLU B 159 -9.81 13.14 -18.40
N GLY B 160 -10.11 14.20 -17.66
CA GLY B 160 -9.30 15.41 -17.69
C GLY B 160 -7.91 15.13 -17.13
N ALA B 161 -7.85 14.27 -16.11
CA ALA B 161 -6.57 13.88 -15.52
C ALA B 161 -5.68 13.21 -16.55
N VAL B 162 -6.26 12.33 -17.33
CA VAL B 162 -5.51 11.66 -18.38
C VAL B 162 -4.96 12.69 -19.36
N ARG B 163 -5.76 13.68 -19.75
CA ARG B 163 -5.33 14.64 -20.76
C ARG B 163 -4.11 15.44 -20.31
N GLN B 164 -4.12 15.89 -19.06
CA GLN B 164 -3.00 16.69 -18.57
C GLN B 164 -1.74 15.84 -18.36
N ILE B 165 -1.90 14.60 -17.90
CA ILE B 165 -0.75 13.72 -17.72
C ILE B 165 -0.08 13.46 -19.07
N ARG B 166 -0.89 13.27 -20.12
CA ARG B 166 -0.36 13.09 -21.46
C ARG B 166 0.55 14.26 -21.86
N LEU B 167 0.20 15.46 -21.42
CA LEU B 167 1.00 16.65 -21.77
C LEU B 167 2.35 16.66 -21.07
N ARG B 168 2.49 15.86 -20.02
CA ARG B 168 3.74 15.73 -19.30
C ARG B 168 4.61 14.60 -19.85
N ARG B 169 4.21 14.02 -20.99
CA ARG B 169 4.88 12.83 -21.52
C ARG B 169 5.31 12.97 -22.98
PG GNP C . 7.03 -13.11 21.33
O1G GNP C . 6.60 -13.62 22.69
O2G GNP C . 6.96 -11.62 21.20
O3G GNP C . 6.15 -13.85 20.38
N3B GNP C . 8.57 -13.53 21.09
PB GNP C . 9.35 -13.46 19.70
O1B GNP C . 8.90 -14.51 18.77
O2B GNP C . 9.28 -12.08 19.19
O3A GNP C . 10.84 -13.74 19.99
PA GNP C . 11.96 -12.70 20.21
O1A GNP C . 11.58 -11.82 21.33
O2A GNP C . 12.36 -12.08 18.94
O5' GNP C . 13.23 -13.51 20.67
C5' GNP C . 13.14 -14.40 21.77
C4' GNP C . 14.52 -14.70 22.30
O4' GNP C . 15.28 -15.49 21.35
C3' GNP C . 15.36 -13.46 22.60
O3' GNP C . 16.04 -13.65 23.83
C2' GNP C . 16.31 -13.40 21.41
O2' GNP C . 17.56 -12.78 21.69
C1' GNP C . 16.52 -14.87 21.08
N9 GNP C . 16.79 -15.10 19.67
C8 GNP C . 16.02 -14.67 18.61
N7 GNP C . 16.49 -15.02 17.46
C5 GNP C . 17.65 -15.72 17.76
C6 GNP C . 18.58 -16.34 16.91
O6 GNP C . 18.57 -16.39 15.68
N1 GNP C . 19.61 -16.95 17.63
C2 GNP C . 19.73 -16.95 19.00
N2 GNP C . 20.79 -17.59 19.51
N3 GNP C . 18.85 -16.37 19.82
C4 GNP C . 17.84 -15.78 19.12
HNB3 GNP C . 9.07 -13.87 21.88
H5'2 GNP C . 12.65 -15.33 21.45
H5'1 GNP C . 12.51 -13.96 22.56
H4' GNP C . 14.34 -15.23 23.25
H3' GNP C . 14.79 -12.53 22.71
HO3' GNP C . 16.33 -14.61 23.90
H2' GNP C . 15.90 -12.78 20.59
HO2' GNP C . 17.99 -13.25 22.46
H1' GNP C . 17.37 -15.25 21.67
H8 GNP C . 15.09 -14.10 18.74
HN1 GNP C . 20.32 -17.42 17.11
HN21 GNP C . 21.45 -18.03 18.90
HN22 GNP C . 20.93 -17.62 20.50
MG MG D . 7.92 -10.25 19.85
S SCN E . 7.07 -15.90 0.71
C SCN E . 8.83 -16.12 0.45
N SCN E . 10.00 -16.25 0.23
PG GNP F . -11.87 9.85 4.81
O1G GNP F . -11.96 10.17 6.28
O2G GNP F . -11.78 8.38 4.52
O3G GNP F . -10.67 10.62 4.34
N3B GNP F . -13.19 10.42 4.11
PB GNP F . -13.46 10.64 2.56
O1B GNP F . -12.74 11.81 2.03
O2B GNP F . -13.24 9.37 1.87
O3A GNP F . -14.96 10.94 2.37
PA GNP F . -16.04 9.94 1.92
O1A GNP F . -16.02 8.78 2.84
O2A GNP F . -15.92 9.63 0.48
O5' GNP F . -17.43 10.65 2.08
C5' GNP F . -17.81 11.26 3.31
C4' GNP F . -19.31 11.46 3.36
O4' GNP F . -19.70 12.45 2.37
C3' GNP F . -20.14 10.22 3.05
O3' GNP F . -21.31 10.21 3.89
C2' GNP F . -20.56 10.42 1.59
O2' GNP F . -21.81 9.81 1.33
C1' GNP F . -20.70 11.94 1.53
N9 GNP F . -20.48 12.51 0.20
C8 GNP F . -19.38 12.31 -0.59
N7 GNP F . -19.41 12.95 -1.72
C5 GNP F . -20.62 13.64 -1.67
C6 GNP F . -21.21 14.50 -2.63
O6 GNP F . -20.77 14.85 -3.73
N1 GNP F . -22.44 14.99 -2.20
C2 GNP F . -23.03 14.68 -0.99
N2 GNP F . -24.22 15.26 -0.76
N3 GNP F . -22.49 13.87 -0.10
C4 GNP F . -21.29 13.38 -0.49
HNB3 GNP F . -13.93 10.67 4.73
H5'2 GNP F . -17.29 12.22 3.42
H5'1 GNP F . -17.48 10.63 4.14
H4' GNP F . -19.50 11.75 4.39
H3' GNP F . -19.61 9.28 3.21
HO3' GNP F . -22.13 10.24 3.32
H2' GNP F . -19.84 9.99 0.87
HO2' GNP F . -22.08 9.99 0.39
H1' GNP F . -21.74 12.19 1.80
H8 GNP F . -18.54 11.66 -0.30
HN1 GNP F . -22.93 15.62 -2.80
HN21 GNP F . -24.62 15.87 -1.44
HN22 GNP F . -24.70 15.07 0.10
MG MG G . -12.13 7.60 2.49
S SCN H . -4.62 17.21 -13.36
C SCN H . -6.19 17.46 -14.20
N SCN H . -7.20 17.62 -14.77
S SCN I . -13.22 7.62 -16.29
C SCN I . -14.70 7.55 -15.29
N SCN I . -15.66 7.56 -14.61
#